data_8JMP
#
_entry.id   8JMP
#
_cell.length_a   41.190
_cell.length_b   84.928
_cell.length_c   147.979
_cell.angle_alpha   90.00
_cell.angle_beta   90.00
_cell.angle_gamma   90.00
#
_symmetry.space_group_name_H-M   'P 21 21 21'
#
loop_
_entity.id
_entity.type
_entity.pdbx_description
1 polymer 'Leaf-branch compost cutinase'
2 non-polymer 'CALCIUM ION'
3 non-polymer '4-[4-(4-carboxyphenyl)carbonyloxybutoxycarbonyl]benzoic acid'
4 water water
#
_entity_poly.entity_id   1
_entity_poly.type   'polypeptide(L)'
_entity_poly.pdbx_seq_one_letter_code
;GMSNPYQRGPNPTRSALTADGPFSVATYTVSRLSVSGFGGGVIYYPTGTSLTFGGIAMSPGYTADASSLAWLGRRLASHG
FVVLVINTNSRFDGPDSRASQLSAALNYLRTSSPSAVRARLDANRLAVAGHAMGGGGTLRIAEQNPSLKAAVPLTPWHTD
KTFNTSVPVLIVGAEADTVAPVSQHAIPFYQNLPSTTPKVYVELCNASHIAPNSNNAAISVYTISWMKLWVDNDTRYRQF
LCNVNDPALCDFRTNNRHCQ
;
_entity_poly.pdbx_strand_id   A,B
#
loop_
_chem_comp.id
_chem_comp.type
_chem_comp.name
_chem_comp.formula
CA non-polymer 'CALCIUM ION' 'Ca 2'
EMX non-polymer '4-[4-(4-carboxyphenyl)carbonyloxybutoxycarbonyl]benzoic acid' 'C20 H18 O8'
#
# COMPACT_ATOMS: atom_id res chain seq x y z
N SER A 3 -21.42 9.38 22.68
CA SER A 3 -19.98 9.31 22.93
C SER A 3 -19.20 8.92 21.67
N ASN A 4 -19.76 7.98 20.90
CA ASN A 4 -19.13 7.56 19.66
C ASN A 4 -19.73 8.37 18.51
N PRO A 5 -18.99 9.28 17.89
CA PRO A 5 -19.61 10.12 16.84
C PRO A 5 -20.00 9.36 15.61
N TYR A 6 -19.51 8.13 15.42
CA TYR A 6 -19.82 7.34 14.24
C TYR A 6 -20.95 6.34 14.47
N GLN A 7 -21.47 6.27 15.70
CA GLN A 7 -22.52 5.32 16.00
C GLN A 7 -23.81 5.73 15.28
N ARG A 8 -24.44 4.77 14.62
CA ARG A 8 -25.67 5.01 13.89
C ARG A 8 -26.68 3.93 14.23
N GLY A 9 -27.96 4.31 14.31
CA GLY A 9 -29.03 3.35 14.44
C GLY A 9 -29.27 2.87 15.86
N PRO A 10 -30.45 2.30 16.10
CA PRO A 10 -30.78 1.80 17.44
C PRO A 10 -29.94 0.58 17.80
N ASN A 11 -29.97 0.25 19.09
CA ASN A 11 -29.23 -0.90 19.58
C ASN A 11 -29.67 -2.14 18.81
N PRO A 12 -28.73 -2.92 18.27
CA PRO A 12 -29.09 -4.01 17.37
C PRO A 12 -29.65 -5.22 18.09
N THR A 13 -30.47 -5.97 17.34
CA THR A 13 -30.89 -7.33 17.69
C THR A 13 -30.63 -8.24 16.50
N ARG A 14 -30.49 -9.54 16.76
CA ARG A 14 -30.13 -10.47 15.68
C ARG A 14 -31.18 -10.44 14.57
N SER A 15 -32.46 -10.43 14.95
CA SER A 15 -33.51 -10.44 13.93
C SER A 15 -33.47 -9.17 13.08
N ALA A 16 -33.12 -8.03 13.68
CA ALA A 16 -33.04 -6.80 12.90
C ALA A 16 -31.90 -6.84 11.88
N LEU A 17 -30.86 -7.62 12.14
CA LEU A 17 -29.74 -7.74 11.22
C LEU A 17 -29.99 -8.75 10.11
N THR A 18 -31.15 -9.40 10.08
CA THR A 18 -31.49 -10.31 8.99
C THR A 18 -32.47 -9.69 7.99
N ALA A 19 -32.75 -8.39 8.13
CA ALA A 19 -33.64 -7.68 7.22
C ALA A 19 -33.01 -6.33 6.96
N ASP A 20 -33.57 -5.58 5.99
CA ASP A 20 -33.08 -4.24 5.74
C ASP A 20 -33.27 -3.39 6.99
N GLY A 21 -32.38 -2.41 7.19
CA GLY A 21 -32.26 -1.72 8.45
C GLY A 21 -32.96 -0.38 8.56
N PRO A 22 -32.49 0.48 9.47
CA PRO A 22 -33.25 1.70 9.83
C PRO A 22 -33.26 2.78 8.75
N PHE A 23 -32.41 2.71 7.73
CA PHE A 23 -32.26 3.82 6.79
C PHE A 23 -32.89 3.48 5.45
N SER A 24 -33.66 4.43 4.89
CA SER A 24 -34.03 4.36 3.49
C SER A 24 -32.77 4.40 2.63
N VAL A 25 -32.85 3.80 1.46
CA VAL A 25 -31.71 3.66 0.56
C VAL A 25 -32.05 4.27 -0.79
N ALA A 26 -31.11 5.02 -1.35
CA ALA A 26 -31.15 5.47 -2.73
C ALA A 26 -30.03 4.77 -3.48
N THR A 27 -30.13 4.77 -4.82
CA THR A 27 -29.09 4.18 -5.64
C THR A 27 -28.58 5.17 -6.67
N TYR A 28 -27.33 4.98 -7.06
CA TYR A 28 -26.74 5.76 -8.13
C TYR A 28 -25.98 4.80 -9.03
N THR A 29 -26.31 4.80 -10.32
CA THR A 29 -25.66 3.93 -11.29
C THR A 29 -24.42 4.62 -11.81
N VAL A 30 -23.26 3.99 -11.61
CA VAL A 30 -21.98 4.46 -12.13
C VAL A 30 -21.79 3.80 -13.48
N SER A 31 -21.90 4.57 -14.56
CA SER A 31 -21.76 3.97 -15.88
C SER A 31 -20.31 3.55 -16.12
N ARG A 32 -20.16 2.49 -16.92
CA ARG A 32 -18.83 2.00 -17.28
C ARG A 32 -17.98 3.08 -17.94
N LEU A 33 -18.60 3.86 -18.84
CA LEU A 33 -17.85 4.89 -19.56
C LEU A 33 -17.42 6.04 -18.66
N SER A 34 -18.09 6.23 -17.52
CA SER A 34 -17.82 7.38 -16.68
C SER A 34 -16.57 7.25 -15.83
N VAL A 35 -16.00 6.04 -15.69
CA VAL A 35 -14.88 5.83 -14.79
C VAL A 35 -13.78 5.03 -15.49
N SER A 36 -12.56 5.22 -15.02
CA SER A 36 -11.43 4.40 -15.41
C SER A 36 -10.96 3.58 -14.21
N GLY A 37 -10.37 2.43 -14.49
CA GLY A 37 -9.85 1.58 -13.47
C GLY A 37 -10.80 0.51 -12.98
N PHE A 38 -12.09 0.62 -13.27
CA PHE A 38 -13.05 -0.42 -12.97
C PHE A 38 -14.25 -0.23 -13.89
N GLY A 39 -15.21 -1.14 -13.81
CA GLY A 39 -16.28 -1.15 -14.80
C GLY A 39 -17.56 -0.45 -14.39
N GLY A 40 -17.45 0.59 -13.55
CA GLY A 40 -18.68 1.17 -13.02
C GLY A 40 -19.29 0.29 -11.93
N GLY A 41 -20.58 0.50 -11.70
CA GLY A 41 -21.29 -0.29 -10.70
C GLY A 41 -22.53 0.44 -10.22
N VAL A 42 -22.96 0.10 -9.01
CA VAL A 42 -24.12 0.71 -8.38
C VAL A 42 -23.74 1.13 -6.96
N ILE A 43 -24.02 2.39 -6.61
CA ILE A 43 -23.83 2.87 -5.25
C ILE A 43 -25.17 2.85 -4.53
N TYR A 44 -25.20 2.18 -3.39
CA TYR A 44 -26.33 2.19 -2.48
C TYR A 44 -25.99 3.12 -1.31
N TYR A 45 -26.88 4.06 -1.01
CA TYR A 45 -26.51 5.02 0.02
C TYR A 45 -27.73 5.45 0.81
N PRO A 46 -27.55 5.80 2.09
CA PRO A 46 -28.69 6.21 2.92
C PRO A 46 -29.27 7.54 2.46
N THR A 47 -30.58 7.64 2.55
CA THR A 47 -31.31 8.83 2.17
C THR A 47 -32.31 9.16 3.27
N GLY A 48 -33.01 10.28 3.11
CA GLY A 48 -33.86 10.76 4.19
C GLY A 48 -33.10 11.10 5.45
N THR A 49 -31.82 11.42 5.34
CA THR A 49 -30.98 11.70 6.49
C THR A 49 -29.95 12.76 6.11
N SER A 50 -29.45 13.45 7.12
CA SER A 50 -28.36 14.41 6.95
C SER A 50 -27.02 13.86 7.42
N LEU A 51 -27.00 12.63 7.92
CA LEU A 51 -25.83 12.03 8.53
C LEU A 51 -24.82 11.57 7.48
N THR A 52 -23.61 11.30 7.94
CA THR A 52 -22.59 10.68 7.11
C THR A 52 -22.27 9.30 7.67
N PHE A 53 -21.78 8.44 6.80
CA PHE A 53 -21.56 7.03 7.08
C PHE A 53 -20.27 6.60 6.40
N GLY A 54 -19.68 5.51 6.91
CA GLY A 54 -18.52 4.93 6.26
C GLY A 54 -18.88 4.31 4.93
N GLY A 55 -17.85 4.03 4.14
CA GLY A 55 -18.02 3.53 2.78
C GLY A 55 -17.44 2.14 2.60
N ILE A 56 -18.04 1.38 1.70
CA ILE A 56 -17.64 0.00 1.40
C ILE A 56 -17.60 -0.18 -0.11
N ALA A 57 -16.46 -0.64 -0.64
CA ALA A 57 -16.38 -1.09 -2.02
C ALA A 57 -16.47 -2.62 -2.04
N MET A 58 -17.32 -3.16 -2.93
CA MET A 58 -17.60 -4.59 -2.94
C MET A 58 -17.47 -5.14 -4.34
N SER A 59 -16.75 -6.27 -4.48
CA SER A 59 -16.53 -6.80 -5.82
C SER A 59 -17.23 -8.15 -5.98
N PRO A 60 -17.89 -8.38 -7.11
CA PRO A 60 -18.45 -9.70 -7.39
C PRO A 60 -17.34 -10.67 -7.80
N GLY A 61 -17.74 -11.91 -8.08
CA GLY A 61 -16.81 -12.96 -8.46
C GLY A 61 -16.68 -13.17 -9.97
N TYR A 62 -15.89 -14.18 -10.31
CA TYR A 62 -15.63 -14.58 -11.69
C TYR A 62 -16.95 -14.82 -12.44
N THR A 63 -17.05 -14.24 -13.64
CA THR A 63 -18.20 -14.28 -14.55
C THR A 63 -19.37 -13.40 -14.10
N ALA A 64 -19.31 -12.84 -12.90
CA ALA A 64 -20.48 -12.20 -12.31
C ALA A 64 -20.44 -10.68 -12.48
N ASP A 65 -21.58 -10.05 -12.23
CA ASP A 65 -21.66 -8.59 -12.24
C ASP A 65 -22.25 -8.11 -10.93
N ALA A 66 -22.37 -6.78 -10.82
CA ALA A 66 -22.79 -6.17 -9.56
C ALA A 66 -24.15 -6.66 -9.11
N SER A 67 -25.01 -7.09 -10.04
CA SER A 67 -26.34 -7.54 -9.65
C SER A 67 -26.28 -8.78 -8.76
N SER A 68 -25.20 -9.56 -8.81
CA SER A 68 -25.08 -10.74 -7.97
C SER A 68 -24.94 -10.41 -6.48
N LEU A 69 -24.64 -9.15 -6.14
CA LEU A 69 -24.56 -8.74 -4.74
C LEU A 69 -25.45 -7.54 -4.46
N ALA A 70 -26.41 -7.26 -5.35
CA ALA A 70 -27.35 -6.15 -5.13
C ALA A 70 -28.05 -6.27 -3.78
N TRP A 71 -28.47 -7.48 -3.40
CA TRP A 71 -29.21 -7.63 -2.16
C TRP A 71 -28.36 -7.19 -0.96
N LEU A 72 -27.07 -7.51 -0.99
CA LEU A 72 -26.17 -7.19 0.13
C LEU A 72 -25.74 -5.71 0.10
N GLY A 73 -25.55 -5.14 -1.09
CA GLY A 73 -25.29 -3.72 -1.16
C GLY A 73 -26.43 -2.92 -0.56
N ARG A 74 -27.66 -3.29 -0.90
CA ARG A 74 -28.83 -2.62 -0.34
C ARG A 74 -28.96 -2.90 1.16
N ARG A 75 -28.73 -4.16 1.56
CA ARG A 75 -28.83 -4.51 2.98
C ARG A 75 -27.86 -3.70 3.82
N LEU A 76 -26.59 -3.67 3.40
CA LEU A 76 -25.60 -2.90 4.16
C LEU A 76 -25.94 -1.41 4.15
N ALA A 77 -26.32 -0.85 2.99
CA ALA A 77 -26.63 0.58 2.95
C ALA A 77 -27.76 0.92 3.90
N SER A 78 -28.78 0.05 3.98
CA SER A 78 -29.93 0.26 4.84
C SER A 78 -29.58 0.20 6.33
N HIS A 79 -28.42 -0.34 6.68
CA HIS A 79 -27.98 -0.28 8.07
C HIS A 79 -26.99 0.84 8.32
N GLY A 80 -26.73 1.69 7.32
CA GLY A 80 -25.96 2.90 7.54
C GLY A 80 -24.56 2.85 6.95
N PHE A 81 -24.47 2.69 5.64
CA PHE A 81 -23.21 2.65 4.92
C PHE A 81 -23.43 3.14 3.49
N VAL A 82 -22.39 3.67 2.89
CA VAL A 82 -22.35 3.94 1.46
C VAL A 82 -21.64 2.77 0.81
N VAL A 83 -22.31 2.06 -0.10
CA VAL A 83 -21.78 0.81 -0.65
C VAL A 83 -21.72 0.89 -2.17
N LEU A 84 -20.52 0.78 -2.72
CA LEU A 84 -20.31 0.73 -4.16
C LEU A 84 -20.04 -0.72 -4.55
N VAL A 85 -21.02 -1.34 -5.20
CA VAL A 85 -20.83 -2.67 -5.79
C VAL A 85 -20.35 -2.49 -7.23
N ILE A 86 -19.12 -2.97 -7.52
CA ILE A 86 -18.53 -2.72 -8.83
C ILE A 86 -18.93 -3.79 -9.82
N ASN A 87 -18.97 -3.38 -11.08
CA ASN A 87 -18.74 -4.28 -12.19
C ASN A 87 -17.27 -4.20 -12.60
N THR A 88 -16.74 -5.30 -13.10
CA THR A 88 -15.33 -5.32 -13.46
C THR A 88 -15.16 -5.01 -14.95
N ASN A 89 -13.93 -4.60 -15.29
CA ASN A 89 -13.60 -4.32 -16.69
C ASN A 89 -13.99 -5.50 -17.57
N SER A 90 -13.64 -6.71 -17.13
CA SER A 90 -14.07 -7.94 -17.79
C SER A 90 -14.60 -8.92 -16.75
N ARG A 91 -15.67 -9.63 -17.11
CA ARG A 91 -16.20 -10.66 -16.23
C ARG A 91 -15.17 -11.73 -15.91
N PHE A 92 -14.11 -11.84 -16.69
CA PHE A 92 -13.12 -12.90 -16.49
C PHE A 92 -11.83 -12.38 -15.85
N ASP A 93 -11.87 -11.18 -15.27
CA ASP A 93 -10.74 -10.68 -14.50
C ASP A 93 -10.50 -11.58 -13.29
N GLY A 94 -9.22 -11.73 -12.94
CA GLY A 94 -8.82 -12.57 -11.83
C GLY A 94 -8.87 -11.85 -10.50
N PRO A 95 -8.46 -12.52 -9.41
CA PRO A 95 -8.59 -11.91 -8.08
C PRO A 95 -7.71 -10.69 -7.89
N ASP A 96 -6.47 -10.72 -8.37
CA ASP A 96 -5.62 -9.55 -8.20
C ASP A 96 -6.12 -8.37 -9.02
N SER A 97 -6.67 -8.64 -10.20
CA SER A 97 -7.27 -7.58 -11.00
C SER A 97 -8.46 -6.98 -10.26
N ARG A 98 -9.25 -7.81 -9.58
CA ARG A 98 -10.37 -7.29 -8.81
C ARG A 98 -9.91 -6.43 -7.65
N ALA A 99 -8.78 -6.76 -7.02
CA ALA A 99 -8.19 -5.85 -6.05
C ALA A 99 -7.90 -4.49 -6.66
N SER A 100 -7.27 -4.46 -7.85
CA SER A 100 -6.98 -3.19 -8.50
CA SER A 100 -6.98 -3.19 -8.50
C SER A 100 -8.25 -2.40 -8.76
N GLN A 101 -9.33 -3.08 -9.10
CA GLN A 101 -10.57 -2.36 -9.38
C GLN A 101 -11.29 -1.91 -8.11
N LEU A 102 -11.17 -2.68 -7.02
CA LEU A 102 -11.59 -2.17 -5.71
C LEU A 102 -10.80 -0.92 -5.33
N SER A 103 -9.49 -0.91 -5.58
CA SER A 103 -8.68 0.29 -5.31
C SER A 103 -9.19 1.50 -6.10
N ALA A 104 -9.49 1.28 -7.39
CA ALA A 104 -10.03 2.37 -8.21
C ALA A 104 -11.40 2.82 -7.72
N ALA A 105 -12.23 1.87 -7.26
CA ALA A 105 -13.56 2.22 -6.76
C ALA A 105 -13.48 3.04 -5.48
N LEU A 106 -12.55 2.70 -4.59
CA LEU A 106 -12.37 3.47 -3.37
C LEU A 106 -11.88 4.87 -3.69
N ASN A 107 -10.91 4.98 -4.59
CA ASN A 107 -10.45 6.29 -5.00
C ASN A 107 -11.59 7.09 -5.62
N TYR A 108 -12.44 6.44 -6.42
CA TYR A 108 -13.60 7.12 -6.98
C TYR A 108 -14.54 7.63 -5.89
N LEU A 109 -14.82 6.77 -4.90
CA LEU A 109 -15.69 7.18 -3.81
C LEU A 109 -15.13 8.41 -3.10
N ARG A 110 -13.83 8.40 -2.82
CA ARG A 110 -13.21 9.49 -2.08
C ARG A 110 -13.25 10.80 -2.88
N THR A 111 -12.96 10.73 -4.18
CA THR A 111 -12.58 11.92 -4.92
C THR A 111 -13.55 12.35 -6.01
N SER A 112 -14.36 11.44 -6.56
CA SER A 112 -15.12 11.74 -7.77
C SER A 112 -16.57 11.29 -7.72
N SER A 113 -17.05 10.80 -6.58
CA SER A 113 -18.41 10.33 -6.50
C SER A 113 -19.37 11.52 -6.56
N PRO A 114 -20.64 11.27 -6.88
CA PRO A 114 -21.60 12.36 -7.03
C PRO A 114 -21.79 13.13 -5.72
N SER A 115 -22.21 14.38 -5.88
CA SER A 115 -22.52 15.23 -4.72
C SER A 115 -23.48 14.56 -3.75
N ALA A 116 -24.47 13.84 -4.27
CA ALA A 116 -25.44 13.17 -3.40
C ALA A 116 -24.80 12.07 -2.57
N VAL A 117 -23.77 11.42 -3.11
CA VAL A 117 -23.09 10.37 -2.36
C VAL A 117 -22.10 10.97 -1.38
N ARG A 118 -21.28 11.92 -1.84
CA ARG A 118 -20.28 12.56 -0.99
C ARG A 118 -20.88 13.13 0.28
N ALA A 119 -22.07 13.73 0.17
CA ALA A 119 -22.72 14.33 1.33
C ALA A 119 -23.06 13.31 2.40
N ARG A 120 -23.26 12.05 2.01
CA ARG A 120 -23.58 10.98 2.97
C ARG A 120 -22.37 10.13 3.32
N LEU A 121 -21.17 10.49 2.86
CA LEU A 121 -20.00 9.65 3.00
C LEU A 121 -18.95 10.32 3.87
N ASP A 122 -18.42 9.57 4.84
CA ASP A 122 -17.20 9.95 5.55
C ASP A 122 -16.08 9.17 4.87
N ALA A 123 -15.36 9.82 3.96
CA ALA A 123 -14.35 9.13 3.18
C ALA A 123 -13.13 8.72 4.00
N ASN A 124 -13.07 9.09 5.29
CA ASN A 124 -11.99 8.63 6.15
C ASN A 124 -12.21 7.21 6.66
N ARG A 125 -13.38 6.61 6.46
CA ARG A 125 -13.72 5.32 7.04
C ARG A 125 -14.22 4.41 5.92
N LEU A 126 -13.30 3.61 5.36
CA LEU A 126 -13.57 2.79 4.19
C LEU A 126 -13.25 1.33 4.48
N ALA A 127 -13.99 0.43 3.83
CA ALA A 127 -13.80 -1.01 3.98
C ALA A 127 -14.09 -1.69 2.67
N VAL A 128 -13.77 -2.99 2.58
CA VAL A 128 -13.94 -3.75 1.36
C VAL A 128 -14.60 -5.09 1.66
N ALA A 129 -15.36 -5.58 0.68
CA ALA A 129 -15.92 -6.92 0.74
C ALA A 129 -15.97 -7.47 -0.68
N GLY A 130 -16.15 -8.77 -0.79
CA GLY A 130 -16.15 -9.36 -2.10
C GLY A 130 -16.54 -10.82 -2.10
N HIS A 131 -17.13 -11.27 -3.19
CA HIS A 131 -17.57 -12.65 -3.35
C HIS A 131 -16.56 -13.41 -4.21
N ALA A 132 -16.03 -14.52 -3.67
CA ALA A 132 -15.26 -15.48 -4.46
C ALA A 132 -13.98 -14.83 -4.98
N MET A 133 -13.77 -14.76 -6.31
CA MET A 133 -12.57 -14.04 -6.77
C MET A 133 -12.57 -12.60 -6.26
N GLY A 134 -13.75 -11.99 -6.11
CA GLY A 134 -13.83 -10.70 -5.48
C GLY A 134 -13.36 -10.72 -4.03
N GLY A 135 -13.59 -11.84 -3.34
CA GLY A 135 -13.08 -11.97 -1.99
C GLY A 135 -11.58 -12.19 -1.95
N GLY A 136 -11.05 -12.88 -2.97
CA GLY A 136 -9.61 -12.88 -3.16
C GLY A 136 -9.07 -11.47 -3.34
N GLY A 137 -9.73 -10.66 -4.16
CA GLY A 137 -9.30 -9.28 -4.33
C GLY A 137 -9.35 -8.48 -3.04
N THR A 138 -10.35 -8.76 -2.20
CA THR A 138 -10.45 -8.09 -0.92
C THR A 138 -9.23 -8.37 -0.04
N LEU A 139 -8.74 -9.60 -0.06
CA LEU A 139 -7.56 -9.95 0.73
C LEU A 139 -6.32 -9.26 0.20
N ARG A 140 -6.17 -9.21 -1.13
CA ARG A 140 -5.01 -8.53 -1.72
C ARG A 140 -5.01 -7.04 -1.38
N ILE A 141 -6.16 -6.37 -1.54
CA ILE A 141 -6.13 -4.92 -1.33
C ILE A 141 -5.91 -4.61 0.14
N ALA A 142 -6.35 -5.52 1.03
CA ALA A 142 -6.10 -5.32 2.46
C ALA A 142 -4.62 -5.35 2.78
N GLU A 143 -3.84 -6.16 2.07
CA GLU A 143 -2.39 -6.14 2.24
C GLU A 143 -1.78 -4.82 1.77
N GLN A 144 -2.35 -4.21 0.71
CA GLN A 144 -1.75 -3.01 0.15
C GLN A 144 -2.17 -1.72 0.86
N ASN A 145 -3.40 -1.65 1.38
CA ASN A 145 -3.95 -0.39 1.90
C ASN A 145 -4.23 -0.55 3.39
N PRO A 146 -3.28 -0.16 4.27
CA PRO A 146 -3.48 -0.38 5.70
C PRO A 146 -4.46 0.56 6.35
N SER A 147 -4.94 1.59 5.63
CA SER A 147 -5.95 2.48 6.14
C SER A 147 -7.36 1.89 6.10
N LEU A 148 -7.56 0.78 5.38
CA LEU A 148 -8.89 0.18 5.34
C LEU A 148 -9.31 -0.28 6.72
N LYS A 149 -10.61 -0.12 7.03
CA LYS A 149 -11.11 -0.44 8.36
C LYS A 149 -11.40 -1.93 8.56
N ALA A 150 -11.75 -2.65 7.50
CA ALA A 150 -12.14 -4.04 7.60
C ALA A 150 -12.18 -4.66 6.21
N ALA A 151 -12.11 -5.99 6.16
CA ALA A 151 -12.25 -6.75 4.93
C ALA A 151 -13.13 -7.96 5.19
N VAL A 152 -14.12 -8.18 4.33
CA VAL A 152 -14.99 -9.34 4.46
C VAL A 152 -14.97 -10.15 3.17
N PRO A 153 -14.12 -11.17 3.07
CA PRO A 153 -14.16 -12.07 1.90
C PRO A 153 -15.26 -13.11 2.07
N LEU A 154 -16.15 -13.21 1.09
CA LEU A 154 -17.27 -14.14 1.12
C LEU A 154 -17.01 -15.27 0.12
N THR A 155 -17.09 -16.52 0.61
CA THR A 155 -16.67 -17.73 -0.10
C THR A 155 -15.49 -17.41 -1.02
N PRO A 156 -14.38 -16.92 -0.46
CA PRO A 156 -13.30 -16.35 -1.30
C PRO A 156 -12.54 -17.40 -2.10
N TRP A 157 -11.96 -16.94 -3.21
CA TRP A 157 -11.15 -17.75 -4.11
C TRP A 157 -9.90 -16.97 -4.47
N HIS A 158 -8.73 -17.62 -4.37
CA HIS A 158 -7.48 -17.01 -4.78
C HIS A 158 -6.42 -18.09 -4.85
N THR A 159 -5.51 -17.97 -5.82
CA THR A 159 -4.35 -18.86 -5.87
C THR A 159 -3.32 -18.50 -4.82
N ASP A 160 -3.19 -17.22 -4.49
CA ASP A 160 -2.38 -16.81 -3.36
C ASP A 160 -3.10 -17.18 -2.07
N LYS A 161 -2.43 -17.93 -1.20
CA LYS A 161 -3.03 -18.35 0.07
C LYS A 161 -2.55 -17.54 1.25
N THR A 162 -1.62 -16.61 1.03
CA THR A 162 -0.87 -15.96 2.10
C THR A 162 -1.01 -14.45 1.97
N PHE A 163 -1.65 -13.84 2.95
CA PHE A 163 -1.86 -12.40 2.98
C PHE A 163 -1.38 -11.84 4.30
N ASN A 164 -0.59 -10.78 4.24
CA ASN A 164 -0.14 -10.06 5.41
C ASN A 164 -0.91 -8.75 5.48
N THR A 165 -1.78 -8.62 6.47
CA THR A 165 -2.47 -7.37 6.70
C THR A 165 -2.83 -7.28 8.17
N SER A 166 -2.96 -6.04 8.66
CA SER A 166 -3.46 -5.76 9.98
C SER A 166 -4.91 -5.30 9.93
N VAL A 167 -5.48 -5.19 8.73
CA VAL A 167 -6.90 -4.88 8.57
C VAL A 167 -7.72 -6.05 9.10
N PRO A 168 -8.67 -5.82 9.99
CA PRO A 168 -9.45 -6.93 10.54
C PRO A 168 -10.25 -7.65 9.47
N VAL A 169 -10.16 -8.99 9.47
CA VAL A 169 -10.75 -9.82 8.42
C VAL A 169 -11.76 -10.76 9.03
N LEU A 170 -12.97 -10.81 8.45
CA LEU A 170 -13.93 -11.88 8.71
C LEU A 170 -14.22 -12.60 7.40
N ILE A 171 -13.95 -13.90 7.36
CA ILE A 171 -14.13 -14.73 6.18
C ILE A 171 -15.36 -15.59 6.38
N VAL A 172 -16.22 -15.63 5.37
CA VAL A 172 -17.37 -16.53 5.34
C VAL A 172 -17.08 -17.66 4.36
N GLY A 173 -16.99 -18.88 4.86
CA GLY A 173 -16.90 -20.05 4.02
C GLY A 173 -18.25 -20.74 3.91
N ALA A 174 -18.43 -21.50 2.83
CA ALA A 174 -19.67 -22.26 2.57
C ALA A 174 -19.34 -23.74 2.61
N GLU A 175 -20.01 -24.50 3.49
CA GLU A 175 -19.59 -25.87 3.77
C GLU A 175 -19.51 -26.71 2.51
N ALA A 176 -20.52 -26.61 1.65
CA ALA A 176 -20.65 -27.45 0.47
C ALA A 176 -20.07 -26.80 -0.79
N ASP A 177 -19.25 -25.75 -0.63
CA ASP A 177 -18.70 -25.02 -1.77
C ASP A 177 -17.75 -25.92 -2.55
N THR A 178 -18.11 -26.23 -3.79
CA THR A 178 -17.25 -27.01 -4.69
C THR A 178 -16.42 -26.14 -5.63
N VAL A 179 -16.75 -24.85 -5.74
CA VAL A 179 -16.03 -23.94 -6.62
C VAL A 179 -14.78 -23.41 -5.92
N ALA A 180 -14.93 -22.97 -4.69
CA ALA A 180 -13.82 -22.48 -3.87
C ALA A 180 -13.86 -23.23 -2.55
N PRO A 181 -13.42 -24.50 -2.54
CA PRO A 181 -13.57 -25.33 -1.35
C PRO A 181 -12.88 -24.70 -0.15
N VAL A 182 -13.56 -24.71 1.00
CA VAL A 182 -13.05 -24.02 2.18
C VAL A 182 -11.70 -24.59 2.60
N SER A 183 -11.47 -25.89 2.36
CA SER A 183 -10.20 -26.48 2.76
C SER A 183 -9.03 -25.99 1.92
N GLN A 184 -9.29 -25.48 0.72
CA GLN A 184 -8.26 -25.01 -0.18
CA GLN A 184 -8.24 -25.01 -0.16
C GLN A 184 -8.19 -23.50 -0.29
N HIS A 185 -9.24 -22.79 0.12
CA HIS A 185 -9.31 -21.33 -0.03
C HIS A 185 -9.58 -20.66 1.31
N ALA A 186 -10.86 -20.61 1.72
CA ALA A 186 -11.24 -19.83 2.91
C ALA A 186 -10.38 -20.18 4.13
N ILE A 187 -10.17 -21.45 4.41
CA ILE A 187 -9.51 -21.82 5.67
C ILE A 187 -8.02 -21.50 5.59
N PRO A 188 -7.29 -21.86 4.51
CA PRO A 188 -5.90 -21.37 4.38
C PRO A 188 -5.79 -19.86 4.44
N PHE A 189 -6.71 -19.11 3.81
CA PHE A 189 -6.68 -17.65 3.97
C PHE A 189 -6.71 -17.28 5.44
N TYR A 190 -7.68 -17.81 6.18
CA TYR A 190 -7.81 -17.47 7.59
C TYR A 190 -6.55 -17.86 8.37
N GLN A 191 -6.08 -19.09 8.16
CA GLN A 191 -4.98 -19.59 8.98
CA GLN A 191 -4.98 -19.59 8.98
C GLN A 191 -3.67 -18.86 8.68
N ASN A 192 -3.45 -18.44 7.43
CA ASN A 192 -2.18 -17.81 7.09
C ASN A 192 -2.17 -16.31 7.35
N LEU A 193 -3.31 -15.70 7.67
CA LEU A 193 -3.31 -14.33 8.14
C LEU A 193 -2.49 -14.23 9.43
N PRO A 194 -1.91 -13.06 9.72
CA PRO A 194 -1.09 -12.93 10.93
C PRO A 194 -1.89 -13.24 12.18
N SER A 195 -1.23 -13.88 13.15
CA SER A 195 -1.90 -14.23 14.39
C SER A 195 -2.24 -13.00 15.23
N THR A 196 -1.61 -11.86 14.94
CA THR A 196 -1.86 -10.60 15.63
C THR A 196 -2.97 -9.77 14.98
N THR A 197 -3.49 -10.21 13.85
CA THR A 197 -4.55 -9.46 13.21
C THR A 197 -5.90 -9.98 13.67
N PRO A 198 -6.83 -9.12 14.11
CA PRO A 198 -8.15 -9.63 14.49
C PRO A 198 -8.81 -10.31 13.30
N LYS A 199 -9.17 -11.57 13.49
CA LYS A 199 -9.69 -12.37 12.39
C LYS A 199 -10.72 -13.35 12.89
N VAL A 200 -11.72 -13.59 12.04
CA VAL A 200 -12.80 -14.52 12.32
C VAL A 200 -13.04 -15.32 11.04
N TYR A 201 -13.25 -16.62 11.21
CA TYR A 201 -13.74 -17.47 10.12
C TYR A 201 -15.04 -18.13 10.57
N VAL A 202 -16.09 -18.01 9.75
CA VAL A 202 -17.36 -18.68 9.98
C VAL A 202 -17.66 -19.53 8.74
N GLU A 203 -18.21 -20.71 8.96
CA GLU A 203 -18.56 -21.61 7.87
C GLU A 203 -20.05 -21.90 7.93
N LEU A 204 -20.75 -21.58 6.84
CA LEU A 204 -22.20 -21.77 6.80
C LEU A 204 -22.51 -23.24 6.52
N CYS A 205 -23.28 -23.87 7.42
CA CYS A 205 -23.73 -25.24 7.18
C CYS A 205 -24.47 -25.35 5.84
N ASN A 206 -24.14 -26.40 5.08
CA ASN A 206 -24.85 -26.84 3.89
C ASN A 206 -24.84 -25.81 2.75
N ALA A 207 -24.09 -24.73 2.89
CA ALA A 207 -24.19 -23.63 1.93
C ALA A 207 -23.38 -23.90 0.69
N SER A 208 -23.85 -23.36 -0.44
CA SER A 208 -23.17 -23.48 -1.72
C SER A 208 -22.33 -22.24 -2.00
N HIS A 209 -21.51 -22.35 -3.04
CA HIS A 209 -20.72 -21.20 -3.51
C HIS A 209 -21.59 -19.99 -3.84
N ILE A 210 -22.85 -20.20 -4.22
CA ILE A 210 -23.70 -19.07 -4.61
C ILE A 210 -24.57 -18.59 -3.46
N ALA A 211 -24.37 -19.12 -2.25
CA ALA A 211 -25.07 -18.57 -1.09
C ALA A 211 -24.91 -17.06 -0.96
N PRO A 212 -23.74 -16.44 -1.21
CA PRO A 212 -23.65 -14.98 -1.10
C PRO A 212 -24.51 -14.23 -2.11
N ASN A 213 -25.00 -14.88 -3.16
CA ASN A 213 -25.68 -14.16 -4.23
C ASN A 213 -27.18 -14.00 -4.01
N SER A 214 -27.70 -14.38 -2.85
CA SER A 214 -29.09 -14.07 -2.54
C SER A 214 -29.23 -13.91 -1.04
N ASN A 215 -30.37 -13.37 -0.62
CA ASN A 215 -30.63 -13.03 0.77
C ASN A 215 -30.23 -14.17 1.70
N ASN A 216 -29.31 -13.88 2.60
CA ASN A 216 -28.74 -14.89 3.49
C ASN A 216 -28.62 -14.29 4.88
N ALA A 217 -29.31 -14.87 5.85
CA ALA A 217 -29.39 -14.28 7.18
C ALA A 217 -28.02 -14.22 7.85
N ALA A 218 -27.26 -15.32 7.79
CA ALA A 218 -25.97 -15.34 8.47
C ALA A 218 -24.98 -14.38 7.82
N ILE A 219 -24.89 -14.39 6.49
CA ILE A 219 -24.00 -13.44 5.82
C ILE A 219 -24.39 -12.01 6.17
N SER A 220 -25.69 -11.74 6.23
CA SER A 220 -26.15 -10.42 6.67
C SER A 220 -25.64 -10.12 8.08
N VAL A 221 -25.88 -11.02 9.03
CA VAL A 221 -25.52 -10.76 10.43
C VAL A 221 -24.02 -10.52 10.57
N TYR A 222 -23.18 -11.40 9.99
CA TYR A 222 -21.75 -11.26 10.23
C TYR A 222 -21.16 -10.11 9.43
N THR A 223 -21.64 -9.84 8.21
CA THR A 223 -21.08 -8.73 7.45
C THR A 223 -21.46 -7.38 8.07
N ILE A 224 -22.74 -7.20 8.41
CA ILE A 224 -23.15 -5.97 9.08
C ILE A 224 -22.34 -5.76 10.37
N SER A 225 -22.25 -6.80 11.21
CA SER A 225 -21.60 -6.63 12.51
C SER A 225 -20.11 -6.34 12.38
N TRP A 226 -19.42 -7.04 11.48
CA TRP A 226 -18.01 -6.74 11.29
C TRP A 226 -17.79 -5.32 10.78
N MET A 227 -18.63 -4.88 9.82
CA MET A 227 -18.49 -3.52 9.31
C MET A 227 -18.84 -2.50 10.39
N LYS A 228 -19.92 -2.72 11.13
CA LYS A 228 -20.26 -1.82 12.22
C LYS A 228 -19.13 -1.70 13.23
N LEU A 229 -18.59 -2.85 13.66
CA LEU A 229 -17.56 -2.86 14.69
C LEU A 229 -16.34 -2.06 14.27
N TRP A 230 -15.91 -2.21 13.02
CA TRP A 230 -14.63 -1.63 12.62
C TRP A 230 -14.77 -0.33 11.86
N VAL A 231 -15.77 -0.22 10.97
CA VAL A 231 -15.93 1.04 10.24
C VAL A 231 -16.44 2.13 11.17
N ASP A 232 -17.37 1.79 12.07
CA ASP A 232 -18.00 2.76 12.97
C ASP A 232 -17.42 2.74 14.39
N ASN A 233 -16.45 1.87 14.68
CA ASN A 233 -16.00 1.65 16.05
C ASN A 233 -17.17 1.32 16.99
N ASP A 234 -18.21 0.65 16.45
CA ASP A 234 -19.47 0.45 17.18
C ASP A 234 -19.39 -0.87 17.94
N THR A 235 -18.97 -0.79 19.21
CA THR A 235 -18.81 -1.99 20.01
C THR A 235 -20.14 -2.64 20.38
N ARG A 236 -21.27 -2.01 20.05
CA ARG A 236 -22.55 -2.67 20.30
C ARG A 236 -22.70 -3.92 19.44
N TYR A 237 -21.90 -4.08 18.39
CA TYR A 237 -22.01 -5.25 17.53
C TYR A 237 -21.09 -6.39 17.95
N ARG A 238 -20.27 -6.20 18.99
CA ARG A 238 -19.48 -7.32 19.51
C ARG A 238 -20.36 -8.49 19.92
N GLN A 239 -21.58 -8.22 20.39
CA GLN A 239 -22.43 -9.29 20.89
C GLN A 239 -22.75 -10.34 19.83
N PHE A 240 -22.67 -9.99 18.55
CA PHE A 240 -22.93 -10.95 17.48
C PHE A 240 -21.66 -11.61 16.96
N LEU A 241 -20.50 -11.13 17.41
CA LEU A 241 -19.22 -11.64 16.95
C LEU A 241 -18.45 -12.34 18.04
N CYS A 242 -18.94 -12.29 19.27
CA CYS A 242 -18.24 -12.79 20.44
C CYS A 242 -19.19 -13.72 21.18
N ASN A 243 -18.61 -14.74 21.84
CA ASN A 243 -19.41 -15.76 22.52
C ASN A 243 -20.49 -16.29 21.59
N VAL A 244 -20.07 -16.61 20.38
CA VAL A 244 -21.01 -16.95 19.31
C VAL A 244 -21.47 -18.39 19.47
N ASN A 245 -22.79 -18.58 19.48
CA ASN A 245 -23.44 -19.89 19.42
C ASN A 245 -24.48 -19.79 18.33
N ASP A 246 -24.10 -20.07 17.09
CA ASP A 246 -24.97 -19.89 15.93
C ASP A 246 -25.19 -21.22 15.23
N PRO A 247 -26.41 -21.78 15.27
CA PRO A 247 -26.64 -23.09 14.62
C PRO A 247 -26.61 -23.05 13.11
N ALA A 248 -26.61 -21.86 12.48
CA ALA A 248 -26.34 -21.76 11.04
C ALA A 248 -24.88 -22.06 10.70
N LEU A 249 -23.99 -22.09 11.68
CA LEU A 249 -22.57 -22.30 11.42
C LEU A 249 -22.18 -23.73 11.72
N CYS A 250 -21.30 -24.26 10.87
CA CYS A 250 -20.69 -25.57 11.04
C CYS A 250 -19.19 -25.50 11.31
N ASP A 251 -18.63 -24.29 11.30
CA ASP A 251 -17.29 -24.06 11.80
C ASP A 251 -17.20 -22.63 12.26
N PHE A 252 -16.32 -22.38 13.23
CA PHE A 252 -16.05 -21.03 13.73
C PHE A 252 -14.64 -21.03 14.28
N ARG A 253 -13.82 -20.08 13.84
CA ARG A 253 -12.44 -19.95 14.32
C ARG A 253 -12.12 -18.47 14.51
N THR A 254 -11.40 -18.16 15.59
CA THR A 254 -11.05 -16.77 15.82
C THR A 254 -9.85 -16.71 16.76
N ASN A 255 -9.11 -15.60 16.70
CA ASN A 255 -8.12 -15.30 17.72
C ASN A 255 -8.65 -14.35 18.79
N ASN A 256 -9.92 -13.99 18.71
CA ASN A 256 -10.61 -13.22 19.76
C ASN A 256 -9.86 -11.94 20.13
N ARG A 257 -9.46 -11.20 19.11
CA ARG A 257 -8.86 -9.90 19.32
C ARG A 257 -9.87 -8.77 19.11
N HIS A 258 -11.11 -9.10 18.76
CA HIS A 258 -12.12 -8.10 18.43
C HIS A 258 -13.15 -7.91 19.53
N CYS A 259 -13.03 -8.65 20.62
CA CYS A 259 -14.04 -8.64 21.67
C CYS A 259 -13.67 -7.75 22.84
N GLN A 260 -12.51 -7.09 22.78
CA GLN A 260 -12.06 -6.15 23.81
C GLN A 260 -10.90 -5.33 23.27
N MET B 2 -8.16 8.50 10.09
CA MET B 2 -7.65 8.19 11.42
C MET B 2 -6.26 7.57 11.36
N SER B 3 -5.81 7.14 10.18
CA SER B 3 -4.45 6.65 10.07
C SER B 3 -3.69 7.46 9.04
N ASN B 4 -2.37 7.44 9.18
CA ASN B 4 -1.47 8.22 8.35
C ASN B 4 -1.81 8.03 6.88
N PRO B 5 -2.18 9.08 6.16
CA PRO B 5 -2.70 8.90 4.79
C PRO B 5 -1.65 8.43 3.81
N TYR B 6 -0.37 8.48 4.14
CA TYR B 6 0.70 8.09 3.23
C TYR B 6 1.16 6.65 3.44
N GLN B 7 0.67 5.96 4.46
CA GLN B 7 1.11 4.59 4.72
C GLN B 7 0.65 3.66 3.61
N ARG B 8 1.56 2.83 3.14
CA ARG B 8 1.30 1.87 2.07
C ARG B 8 1.88 0.52 2.50
N GLY B 9 1.25 -0.57 2.07
CA GLY B 9 1.73 -1.89 2.39
C GLY B 9 1.43 -2.29 3.84
N PRO B 10 1.73 -3.55 4.19
CA PRO B 10 1.43 -4.06 5.54
C PRO B 10 2.55 -3.77 6.53
N ASN B 11 2.38 -4.25 7.77
CA ASN B 11 3.47 -4.22 8.72
C ASN B 11 4.72 -4.83 8.10
N PRO B 12 5.86 -4.13 8.10
CA PRO B 12 7.06 -4.69 7.48
C PRO B 12 7.76 -5.71 8.36
N THR B 13 8.38 -6.69 7.70
CA THR B 13 9.35 -7.58 8.31
C THR B 13 10.66 -7.39 7.57
N ARG B 14 11.78 -7.74 8.22
CA ARG B 14 13.05 -7.53 7.55
C ARG B 14 13.11 -8.29 6.23
N SER B 15 12.62 -9.53 6.22
CA SER B 15 12.71 -10.35 5.01
CA SER B 15 12.74 -10.32 5.00
C SER B 15 11.90 -9.77 3.87
N ALA B 16 10.71 -9.22 4.18
CA ALA B 16 9.90 -8.59 3.14
C ALA B 16 10.66 -7.45 2.47
N LEU B 17 11.53 -6.77 3.21
CA LEU B 17 12.28 -5.66 2.64
C LEU B 17 13.53 -6.12 1.92
N THR B 18 13.78 -7.43 1.84
CA THR B 18 14.86 -7.98 1.01
C THR B 18 14.38 -8.49 -0.33
N ALA B 19 13.09 -8.37 -0.62
CA ALA B 19 12.49 -8.89 -1.84
C ALA B 19 11.56 -7.81 -2.37
N ASP B 20 11.09 -7.96 -3.60
CA ASP B 20 10.15 -6.97 -4.12
C ASP B 20 8.85 -7.01 -3.32
N GLY B 21 8.20 -5.85 -3.22
CA GLY B 21 7.16 -5.67 -2.25
C GLY B 21 5.75 -5.94 -2.74
N PRO B 22 4.76 -5.38 -2.05
CA PRO B 22 3.37 -5.76 -2.29
C PRO B 22 2.69 -5.06 -3.47
N PHE B 23 3.39 -4.23 -4.23
CA PHE B 23 2.80 -3.56 -5.38
C PHE B 23 3.42 -4.08 -6.67
N SER B 24 2.57 -4.33 -7.67
CA SER B 24 3.06 -4.57 -9.02
C SER B 24 3.71 -3.31 -9.58
N VAL B 25 4.68 -3.51 -10.47
CA VAL B 25 5.48 -2.42 -11.01
C VAL B 25 5.31 -2.36 -12.52
N ALA B 26 5.10 -1.16 -13.04
CA ALA B 26 5.20 -0.88 -14.46
C ALA B 26 6.46 -0.05 -14.71
N THR B 27 6.94 -0.08 -15.95
CA THR B 27 8.12 0.70 -16.33
C THR B 27 7.80 1.57 -17.54
N TYR B 28 8.46 2.72 -17.59
CA TYR B 28 8.40 3.61 -18.74
C TYR B 28 9.83 4.06 -19.04
N THR B 29 10.28 3.82 -20.27
CA THR B 29 11.63 4.18 -20.67
C THR B 29 11.63 5.61 -21.19
N VAL B 30 12.40 6.47 -20.54
CA VAL B 30 12.51 7.87 -20.94
C VAL B 30 13.69 8.00 -21.90
N SER B 31 13.39 8.34 -23.15
CA SER B 31 14.44 8.42 -24.16
C SER B 31 15.33 9.64 -23.89
N ARG B 32 16.63 9.48 -24.20
CA ARG B 32 17.58 10.57 -24.03
C ARG B 32 17.16 11.80 -24.81
N LEU B 33 16.74 11.63 -26.06
CA LEU B 33 16.40 12.81 -26.87
C LEU B 33 15.11 13.48 -26.40
N SER B 34 14.23 12.75 -25.72
CA SER B 34 12.94 13.32 -25.34
C SER B 34 13.03 14.32 -24.20
N VAL B 35 14.18 14.44 -23.52
CA VAL B 35 14.28 15.31 -22.35
C VAL B 35 15.58 16.12 -22.40
N SER B 36 15.54 17.28 -21.76
CA SER B 36 16.70 18.13 -21.54
C SER B 36 17.11 18.05 -20.07
N GLY B 37 18.36 18.45 -19.81
CA GLY B 37 18.86 18.53 -18.46
C GLY B 37 19.32 17.22 -17.86
N PHE B 38 19.05 16.08 -18.49
CA PHE B 38 19.61 14.80 -18.09
C PHE B 38 19.46 13.84 -19.27
N GLY B 39 20.02 12.65 -19.12
CA GLY B 39 20.09 11.72 -20.23
C GLY B 39 19.01 10.68 -20.29
N GLY B 40 17.79 11.05 -19.92
CA GLY B 40 16.72 10.06 -19.93
C GLY B 40 16.85 9.11 -18.75
N GLY B 41 16.26 7.93 -18.90
CA GLY B 41 16.35 6.93 -17.86
C GLY B 41 15.15 5.99 -17.90
N VAL B 42 14.82 5.44 -16.72
CA VAL B 42 13.71 4.49 -16.62
C VAL B 42 12.89 4.82 -15.38
N ILE B 43 11.57 4.89 -15.53
CA ILE B 43 10.65 5.09 -14.41
C ILE B 43 10.09 3.74 -14.00
N TYR B 44 10.18 3.43 -12.71
CA TYR B 44 9.50 2.30 -12.10
C TYR B 44 8.42 2.88 -11.19
N TYR B 45 7.19 2.40 -11.34
CA TYR B 45 6.12 2.98 -10.56
C TYR B 45 5.06 1.92 -10.29
N PRO B 46 4.29 2.07 -9.23
CA PRO B 46 3.26 1.06 -8.90
C PRO B 46 2.15 1.05 -9.93
N THR B 47 1.65 -0.15 -10.21
CA THR B 47 0.51 -0.31 -11.10
C THR B 47 -0.49 -1.25 -10.42
N GLY B 48 -1.70 -1.31 -10.96
CA GLY B 48 -2.71 -2.09 -10.27
C GLY B 48 -3.20 -1.47 -8.98
N THR B 49 -2.95 -0.18 -8.76
CA THR B 49 -3.39 0.51 -7.55
C THR B 49 -3.76 1.94 -7.93
N SER B 50 -4.72 2.51 -7.21
CA SER B 50 -5.08 3.92 -7.39
C SER B 50 -4.57 4.81 -6.26
N LEU B 51 -3.74 4.27 -5.38
CA LEU B 51 -3.07 5.11 -4.40
C LEU B 51 -2.02 5.97 -5.09
N THR B 52 -1.59 7.02 -4.37
CA THR B 52 -0.50 7.86 -4.82
C THR B 52 0.70 7.66 -3.89
N PHE B 53 1.88 7.94 -4.43
CA PHE B 53 3.12 7.54 -3.79
C PHE B 53 4.15 8.65 -3.95
N GLY B 54 5.07 8.73 -3.00
CA GLY B 54 6.20 9.65 -3.14
C GLY B 54 7.08 9.30 -4.32
N GLY B 55 7.89 10.27 -4.73
CA GLY B 55 8.78 10.11 -5.86
C GLY B 55 10.23 10.09 -5.44
N ILE B 56 11.04 9.35 -6.21
CA ILE B 56 12.48 9.24 -5.95
C ILE B 56 13.22 9.37 -7.27
N ALA B 57 14.21 10.25 -7.32
CA ALA B 57 15.15 10.32 -8.43
C ALA B 57 16.48 9.69 -8.01
N MET B 58 17.02 8.80 -8.83
CA MET B 58 18.22 8.05 -8.48
C MET B 58 19.27 8.20 -9.56
N SER B 59 20.52 8.46 -9.16
CA SER B 59 21.60 8.62 -10.13
C SER B 59 22.61 7.50 -10.00
N PRO B 60 23.01 6.89 -11.09
CA PRO B 60 24.12 5.92 -11.03
C PRO B 60 25.44 6.67 -10.93
N GLY B 61 26.53 5.91 -10.95
CA GLY B 61 27.85 6.44 -10.73
C GLY B 61 28.65 6.63 -12.01
N TYR B 62 29.91 7.01 -11.81
CA TYR B 62 30.87 7.25 -12.89
C TYR B 62 30.94 6.06 -13.84
N THR B 63 30.87 6.35 -15.15
CA THR B 63 30.90 5.40 -16.26
C THR B 63 29.68 4.49 -16.33
N ALA B 64 28.72 4.61 -15.42
CA ALA B 64 27.60 3.69 -15.33
C ALA B 64 26.35 4.31 -15.93
N ASP B 65 25.40 3.45 -16.29
CA ASP B 65 24.09 3.88 -16.78
C ASP B 65 23.00 3.40 -15.81
N ALA B 66 21.74 3.69 -16.18
CA ALA B 66 20.62 3.44 -15.27
C ALA B 66 20.45 1.96 -14.96
N SER B 67 20.88 1.07 -15.86
CA SER B 67 20.74 -0.36 -15.62
C SER B 67 21.52 -0.82 -14.39
N SER B 68 22.54 -0.07 -13.97
CA SER B 68 23.31 -0.48 -12.80
C SER B 68 22.50 -0.35 -11.50
N LEU B 69 21.37 0.34 -11.52
CA LEU B 69 20.51 0.45 -10.35
C LEU B 69 19.09 -0.01 -10.64
N ALA B 70 18.89 -0.74 -11.74
CA ALA B 70 17.54 -1.18 -12.09
C ALA B 70 16.94 -2.05 -10.99
N TRP B 71 17.75 -2.95 -10.41
CA TRP B 71 17.23 -3.82 -9.37
C TRP B 71 16.65 -3.02 -8.21
N LEU B 72 17.31 -1.92 -7.85
CA LEU B 72 16.87 -1.10 -6.73
C LEU B 72 15.71 -0.20 -7.11
N GLY B 73 15.72 0.32 -8.34
CA GLY B 73 14.57 1.06 -8.83
C GLY B 73 13.30 0.25 -8.79
N ARG B 74 13.35 -0.97 -9.33
CA ARG B 74 12.19 -1.85 -9.26
C ARG B 74 11.87 -2.23 -7.82
N ARG B 75 12.89 -2.53 -7.02
CA ARG B 75 12.66 -2.88 -5.62
C ARG B 75 11.90 -1.78 -4.89
N LEU B 76 12.41 -0.54 -4.98
CA LEU B 76 11.75 0.57 -4.30
C LEU B 76 10.34 0.78 -4.80
N ALA B 77 10.14 0.71 -6.13
CA ALA B 77 8.81 0.95 -6.68
C ALA B 77 7.80 -0.07 -6.17
N SER B 78 8.22 -1.33 -6.07
CA SER B 78 7.35 -2.41 -5.64
C SER B 78 6.95 -2.28 -4.18
N HIS B 79 7.67 -1.47 -3.41
CA HIS B 79 7.26 -1.21 -2.04
C HIS B 79 6.45 0.08 -1.94
N GLY B 80 6.20 0.75 -3.07
CA GLY B 80 5.31 1.90 -3.08
C GLY B 80 6.00 3.23 -3.31
N PHE B 81 6.67 3.38 -4.45
CA PHE B 81 7.34 4.62 -4.79
C PHE B 81 7.35 4.77 -6.30
N VAL B 82 7.34 6.02 -6.76
CA VAL B 82 7.58 6.31 -8.18
C VAL B 82 9.05 6.65 -8.31
N VAL B 83 9.80 5.85 -9.07
CA VAL B 83 11.26 5.92 -9.04
C VAL B 83 11.77 6.15 -10.46
N LEU B 84 12.45 7.28 -10.66
CA LEU B 84 13.11 7.58 -11.92
C LEU B 84 14.61 7.40 -11.73
N VAL B 85 15.16 6.35 -12.35
CA VAL B 85 16.60 6.13 -12.43
C VAL B 85 17.11 6.79 -13.71
N ILE B 86 17.97 7.77 -13.57
CA ILE B 86 18.43 8.53 -14.73
C ILE B 86 19.61 7.84 -15.38
N ASN B 87 19.76 8.11 -16.67
CA ASN B 87 21.05 8.11 -17.33
C ASN B 87 21.55 9.55 -17.36
N THR B 88 22.88 9.70 -17.34
CA THR B 88 23.44 11.04 -17.34
C THR B 88 23.75 11.48 -18.76
N ASN B 89 23.85 12.80 -18.95
CA ASN B 89 24.24 13.33 -20.25
C ASN B 89 25.52 12.69 -20.74
N SER B 90 26.51 12.55 -19.86
CA SER B 90 27.73 11.85 -20.22
C SER B 90 28.07 10.87 -19.12
N ARG B 91 28.54 9.68 -19.50
CA ARG B 91 28.94 8.66 -18.52
C ARG B 91 30.06 9.15 -17.61
N PHE B 92 30.76 10.22 -18.00
CA PHE B 92 31.88 10.76 -17.23
C PHE B 92 31.51 12.00 -16.42
N ASP B 93 30.22 12.34 -16.33
CA ASP B 93 29.83 13.50 -15.52
C ASP B 93 30.24 13.29 -14.07
N GLY B 94 30.62 14.39 -13.43
CA GLY B 94 31.00 14.36 -12.02
C GLY B 94 29.81 14.46 -11.10
N PRO B 95 30.07 14.51 -9.80
CA PRO B 95 28.94 14.50 -8.83
C PRO B 95 28.07 15.75 -8.88
N ASP B 96 28.67 16.94 -9.00
CA ASP B 96 27.85 18.14 -9.03
C ASP B 96 26.99 18.19 -10.29
N SER B 97 27.52 17.72 -11.42
CA SER B 97 26.72 17.58 -12.62
C SER B 97 25.58 16.58 -12.42
N ARG B 98 25.85 15.50 -11.68
CA ARG B 98 24.79 14.54 -11.37
C ARG B 98 23.72 15.16 -10.47
N ALA B 99 24.11 16.07 -9.57
CA ALA B 99 23.12 16.77 -8.77
C ALA B 99 22.19 17.61 -9.65
N SER B 100 22.74 18.34 -10.63
CA SER B 100 21.88 19.14 -11.49
C SER B 100 20.98 18.26 -12.35
N GLN B 101 21.46 17.10 -12.76
CA GLN B 101 20.64 16.22 -13.58
C GLN B 101 19.54 15.54 -12.75
N LEU B 102 19.79 15.30 -11.45
CA LEU B 102 18.72 14.85 -10.56
C LEU B 102 17.66 15.94 -10.40
N SER B 103 18.07 17.21 -10.34
CA SER B 103 17.12 18.31 -10.27
C SER B 103 16.24 18.32 -11.51
N ALA B 104 16.86 18.22 -12.69
CA ALA B 104 16.12 18.18 -13.94
C ALA B 104 15.19 16.97 -13.99
N ALA B 105 15.67 15.81 -13.53
CA ALA B 105 14.85 14.62 -13.54
C ALA B 105 13.64 14.76 -12.64
N LEU B 106 13.81 15.41 -11.48
CA LEU B 106 12.68 15.58 -10.58
C LEU B 106 11.65 16.53 -11.18
N ASN B 107 12.11 17.62 -11.79
CA ASN B 107 11.18 18.51 -12.49
C ASN B 107 10.45 17.78 -13.61
N TYR B 108 11.18 16.98 -14.40
CA TYR B 108 10.53 16.18 -15.44
C TYR B 108 9.47 15.26 -14.85
N LEU B 109 9.81 14.55 -13.78
CA LEU B 109 8.88 13.62 -13.15
C LEU B 109 7.58 14.32 -12.75
N ARG B 110 7.71 15.48 -12.10
CA ARG B 110 6.54 16.24 -11.64
CA ARG B 110 6.53 16.21 -11.64
C ARG B 110 5.66 16.70 -12.80
N THR B 111 6.29 17.12 -13.90
CA THR B 111 5.59 17.90 -14.92
C THR B 111 5.37 17.19 -16.25
N SER B 112 6.34 16.41 -16.73
CA SER B 112 6.28 15.97 -18.12
C SER B 112 6.33 14.47 -18.28
N SER B 113 6.42 13.70 -17.19
CA SER B 113 6.28 12.27 -17.27
C SER B 113 4.90 11.93 -17.82
N PRO B 114 4.70 10.68 -18.27
CA PRO B 114 3.37 10.29 -18.76
C PRO B 114 2.30 10.51 -17.69
N SER B 115 1.07 10.75 -18.15
CA SER B 115 -0.02 10.98 -17.21
C SER B 115 -0.22 9.80 -16.27
N ALA B 116 0.02 8.57 -16.75
CA ALA B 116 -0.12 7.40 -15.89
C ALA B 116 0.91 7.39 -14.77
N VAL B 117 2.08 7.98 -15.01
CA VAL B 117 3.07 8.14 -13.96
C VAL B 117 2.65 9.25 -13.01
N ARG B 118 2.30 10.42 -13.56
CA ARG B 118 1.93 11.53 -12.70
C ARG B 118 0.67 11.21 -11.91
N ALA B 119 -0.17 10.31 -12.42
CA ALA B 119 -1.38 9.91 -11.68
C ALA B 119 -1.04 9.18 -10.39
N ARG B 120 0.07 8.46 -10.35
CA ARG B 120 0.47 7.71 -9.15
C ARG B 120 1.43 8.49 -8.25
N LEU B 121 1.79 9.70 -8.64
CA LEU B 121 2.83 10.47 -7.99
C LEU B 121 2.23 11.56 -7.10
N ASP B 122 2.67 11.61 -5.86
CA ASP B 122 2.44 12.75 -4.98
C ASP B 122 3.67 13.62 -5.07
N ALA B 123 3.63 14.66 -5.91
CA ALA B 123 4.81 15.48 -6.14
C ALA B 123 5.20 16.32 -4.92
N ASN B 124 4.38 16.34 -3.88
CA ASN B 124 4.77 17.02 -2.65
C ASN B 124 5.76 16.22 -1.81
N ARG B 125 6.04 14.97 -2.15
CA ARG B 125 6.87 14.10 -1.32
C ARG B 125 7.94 13.47 -2.21
N LEU B 126 9.11 14.09 -2.28
CA LEU B 126 10.17 13.68 -3.18
C LEU B 126 11.46 13.40 -2.41
N ALA B 127 12.29 12.53 -2.98
CA ALA B 127 13.53 12.12 -2.34
C ALA B 127 14.54 11.76 -3.43
N VAL B 128 15.81 11.58 -3.01
CA VAL B 128 16.88 11.29 -3.95
C VAL B 128 17.77 10.18 -3.39
N ALA B 129 18.38 9.41 -4.29
CA ALA B 129 19.39 8.42 -3.92
C ALA B 129 20.38 8.33 -5.06
N GLY B 130 21.55 7.76 -4.80
CA GLY B 130 22.54 7.69 -5.85
C GLY B 130 23.71 6.83 -5.44
N HIS B 131 24.39 6.29 -6.46
CA HIS B 131 25.54 5.42 -6.28
C HIS B 131 26.82 6.17 -6.63
N ALA B 132 27.76 6.22 -5.68
CA ALA B 132 29.14 6.67 -5.91
C ALA B 132 29.09 8.15 -6.29
N MET B 133 29.56 8.56 -7.49
CA MET B 133 29.44 9.96 -7.85
C MET B 133 27.98 10.39 -7.87
N GLY B 134 27.07 9.45 -8.18
CA GLY B 134 25.66 9.73 -8.03
C GLY B 134 25.26 9.92 -6.57
N GLY B 135 26.00 9.28 -5.65
CA GLY B 135 25.79 9.55 -4.25
C GLY B 135 26.35 10.88 -3.81
N GLY B 136 27.47 11.30 -4.41
CA GLY B 136 27.93 12.67 -4.21
C GLY B 136 26.94 13.68 -4.73
N GLY B 137 26.32 13.40 -5.89
CA GLY B 137 25.27 14.27 -6.41
C GLY B 137 24.03 14.29 -5.53
N THR B 138 23.73 13.16 -4.87
CA THR B 138 22.62 13.10 -3.92
C THR B 138 22.85 14.06 -2.75
N LEU B 139 24.09 14.08 -2.24
CA LEU B 139 24.38 14.99 -1.13
C LEU B 139 24.30 16.45 -1.57
N ARG B 140 24.77 16.74 -2.78
CA ARG B 140 24.76 18.13 -3.26
C ARG B 140 23.33 18.64 -3.45
N ILE B 141 22.47 17.85 -4.11
CA ILE B 141 21.11 18.32 -4.35
C ILE B 141 20.35 18.45 -3.04
N ALA B 142 20.65 17.59 -2.04
CA ALA B 142 20.03 17.74 -0.72
C ALA B 142 20.41 19.07 -0.09
N GLU B 143 21.66 19.50 -0.30
CA GLU B 143 22.08 20.82 0.15
C GLU B 143 21.37 21.92 -0.62
N GLN B 144 21.16 21.72 -1.94
CA GLN B 144 20.54 22.75 -2.77
C GLN B 144 19.02 22.82 -2.62
N ASN B 145 18.37 21.75 -2.13
CA ASN B 145 16.91 21.64 -2.18
C ASN B 145 16.42 21.09 -0.85
N PRO B 146 16.22 21.96 0.14
CA PRO B 146 15.73 21.49 1.45
C PRO B 146 14.29 20.98 1.45
N SER B 147 13.55 21.12 0.35
CA SER B 147 12.19 20.58 0.31
C SER B 147 12.16 19.07 0.13
N LEU B 148 13.30 18.46 -0.21
CA LEU B 148 13.38 17.02 -0.34
C LEU B 148 13.13 16.34 1.00
N LYS B 149 12.44 15.20 0.97
CA LYS B 149 12.11 14.49 2.21
C LYS B 149 13.26 13.64 2.73
N ALA B 150 14.14 13.15 1.84
CA ALA B 150 15.19 12.24 2.27
C ALA B 150 16.24 12.10 1.18
N ALA B 151 17.43 11.65 1.58
CA ALA B 151 18.54 11.45 0.66
C ALA B 151 19.30 10.20 1.10
N VAL B 152 19.57 9.30 0.16
CA VAL B 152 20.31 8.07 0.49
C VAL B 152 21.51 7.94 -0.46
N PRO B 153 22.69 8.42 -0.07
CA PRO B 153 23.90 8.19 -0.89
C PRO B 153 24.47 6.79 -0.64
N LEU B 154 24.65 6.04 -1.74
CA LEU B 154 25.16 4.68 -1.68
C LEU B 154 26.62 4.66 -2.11
N THR B 155 27.49 4.09 -1.26
CA THR B 155 28.95 4.16 -1.39
C THR B 155 29.36 5.45 -2.09
N PRO B 156 29.07 6.61 -1.48
CA PRO B 156 29.18 7.88 -2.22
C PRO B 156 30.63 8.29 -2.46
N TRP B 157 30.81 9.18 -3.43
CA TRP B 157 32.10 9.74 -3.82
C TRP B 157 31.93 11.23 -4.09
N HIS B 158 32.83 12.03 -3.53
CA HIS B 158 32.84 13.46 -3.83
C HIS B 158 34.15 14.04 -3.33
N THR B 159 34.65 15.04 -4.04
CA THR B 159 35.83 15.76 -3.56
C THR B 159 35.46 16.72 -2.42
N ASP B 160 34.28 17.31 -2.48
CA ASP B 160 33.74 18.07 -1.36
C ASP B 160 33.26 17.12 -0.27
N LYS B 161 33.64 17.41 0.99
CA LYS B 161 33.31 16.54 2.11
C LYS B 161 32.26 17.12 3.06
N THR B 162 31.84 18.37 2.85
CA THR B 162 30.95 19.05 3.77
C THR B 162 29.69 19.47 3.04
N PHE B 163 28.54 19.00 3.50
CA PHE B 163 27.27 19.30 2.87
C PHE B 163 26.32 19.84 3.93
N ASN B 164 25.86 21.07 3.74
CA ASN B 164 25.02 21.76 4.71
C ASN B 164 23.57 21.56 4.26
N THR B 165 23.01 20.42 4.67
CA THR B 165 21.64 20.10 4.33
C THR B 165 20.84 19.81 5.59
N SER B 166 19.55 20.13 5.53
CA SER B 166 18.60 19.76 6.56
C SER B 166 17.84 18.48 6.20
N VAL B 167 18.05 17.97 5.01
CA VAL B 167 17.36 16.78 4.51
C VAL B 167 17.88 15.54 5.25
N PRO B 168 17.03 14.70 5.81
CA PRO B 168 17.52 13.49 6.49
C PRO B 168 18.34 12.62 5.54
N VAL B 169 19.51 12.19 5.99
CA VAL B 169 20.47 11.47 5.16
C VAL B 169 20.76 10.11 5.79
N LEU B 170 20.70 9.05 4.99
CA LEU B 170 21.28 7.77 5.36
C LEU B 170 22.33 7.41 4.31
N ILE B 171 23.57 7.23 4.76
CA ILE B 171 24.69 6.87 3.88
C ILE B 171 24.99 5.40 4.06
N VAL B 172 25.14 4.68 2.96
CA VAL B 172 25.64 3.31 2.95
C VAL B 172 27.10 3.33 2.54
N GLY B 173 27.98 2.91 3.43
CA GLY B 173 29.37 2.70 3.10
C GLY B 173 29.64 1.23 2.83
N ALA B 174 30.69 0.96 2.07
CA ALA B 174 31.14 -0.40 1.79
C ALA B 174 32.52 -0.56 2.39
N GLU B 175 32.64 -1.49 3.35
CA GLU B 175 33.89 -1.61 4.13
C GLU B 175 35.11 -1.80 3.23
N ALA B 176 34.98 -2.60 2.18
CA ALA B 176 36.10 -2.93 1.32
C ALA B 176 36.21 -2.02 0.10
N ASP B 177 35.53 -0.89 0.09
CA ASP B 177 35.53 0.02 -1.06
C ASP B 177 36.91 0.62 -1.27
N THR B 178 37.51 0.33 -2.42
CA THR B 178 38.80 0.90 -2.79
C THR B 178 38.68 2.03 -3.81
N VAL B 179 37.47 2.29 -4.30
CA VAL B 179 37.24 3.40 -5.25
C VAL B 179 36.83 4.66 -4.50
N ALA B 180 35.95 4.53 -3.51
CA ALA B 180 35.53 5.62 -2.63
C ALA B 180 35.71 5.15 -1.19
N PRO B 181 36.96 5.05 -0.72
CA PRO B 181 37.20 4.49 0.62
C PRO B 181 36.42 5.24 1.69
N VAL B 182 35.83 4.47 2.61
CA VAL B 182 34.90 5.07 3.57
C VAL B 182 35.61 6.09 4.46
N SER B 183 36.91 5.90 4.73
CA SER B 183 37.63 6.88 5.55
C SER B 183 37.76 8.23 4.86
N GLN B 184 37.72 8.27 3.53
CA GLN B 184 37.88 9.53 2.80
C GLN B 184 36.58 10.07 2.24
N HIS B 185 35.52 9.27 2.19
CA HIS B 185 34.30 9.73 1.55
C HIS B 185 33.11 9.55 2.49
N ALA B 186 32.53 8.35 2.52
CA ALA B 186 31.28 8.12 3.26
C ALA B 186 31.32 8.64 4.69
N ILE B 187 32.38 8.33 5.44
CA ILE B 187 32.42 8.66 6.87
C ILE B 187 32.59 10.17 7.05
N PRO B 188 33.55 10.83 6.38
CA PRO B 188 33.56 12.30 6.42
C PRO B 188 32.23 12.94 6.03
N PHE B 189 31.55 12.42 5.00
CA PHE B 189 30.25 12.96 4.63
C PHE B 189 29.29 12.92 5.81
N TYR B 190 29.17 11.75 6.46
CA TYR B 190 28.29 11.62 7.62
C TYR B 190 28.73 12.56 8.74
N GLN B 191 30.03 12.58 9.03
CA GLN B 191 30.52 13.34 10.17
C GLN B 191 30.33 14.84 9.99
N ASN B 192 30.39 15.34 8.75
CA ASN B 192 30.34 16.77 8.46
C ASN B 192 28.93 17.29 8.18
N LEU B 193 27.92 16.41 8.12
CA LEU B 193 26.54 16.88 8.06
C LEU B 193 26.18 17.63 9.34
N PRO B 194 25.27 18.60 9.27
CA PRO B 194 24.84 19.30 10.48
C PRO B 194 24.41 18.32 11.56
N SER B 195 24.84 18.59 12.80
CA SER B 195 24.48 17.72 13.90
C SER B 195 22.99 17.74 14.19
N THR B 196 22.26 18.74 13.70
CA THR B 196 20.81 18.81 13.88
C THR B 196 20.04 18.11 12.78
N THR B 197 20.71 17.66 11.74
CA THR B 197 20.06 16.93 10.66
C THR B 197 19.99 15.45 11.02
N PRO B 198 18.80 14.83 10.93
CA PRO B 198 18.71 13.38 11.16
C PRO B 198 19.61 12.65 10.19
N LYS B 199 20.52 11.85 10.72
CA LYS B 199 21.46 11.17 9.84
C LYS B 199 21.81 9.80 10.40
N VAL B 200 22.10 8.89 9.48
CA VAL B 200 22.48 7.52 9.79
C VAL B 200 23.62 7.14 8.86
N TYR B 201 24.61 6.42 9.38
CA TYR B 201 25.63 5.76 8.58
C TYR B 201 25.58 4.26 8.84
N VAL B 202 25.51 3.47 7.78
CA VAL B 202 25.64 2.02 7.87
C VAL B 202 26.77 1.59 6.93
N GLU B 203 27.57 0.64 7.37
CA GLU B 203 28.71 0.20 6.57
C GLU B 203 28.62 -1.30 6.40
N LEU B 204 28.59 -1.74 5.15
CA LEU B 204 28.43 -3.16 4.83
C LEU B 204 29.75 -3.88 5.02
N CYS B 205 29.76 -4.91 5.86
CA CYS B 205 30.96 -5.72 6.04
C CYS B 205 31.47 -6.25 4.72
N ASN B 206 32.77 -6.07 4.50
CA ASN B 206 33.52 -6.66 3.39
C ASN B 206 32.94 -6.34 2.01
N ALA B 207 32.12 -5.31 1.89
CA ALA B 207 31.47 -5.02 0.61
C ALA B 207 32.36 -4.16 -0.27
N SER B 208 32.24 -4.37 -1.58
CA SER B 208 33.03 -3.59 -2.52
C SER B 208 32.26 -2.38 -3.02
N HIS B 209 32.97 -1.55 -3.79
CA HIS B 209 32.36 -0.37 -4.39
C HIS B 209 31.14 -0.69 -5.25
N ILE B 210 31.08 -1.88 -5.84
CA ILE B 210 29.99 -2.21 -6.76
C ILE B 210 28.88 -3.01 -6.09
N ALA B 211 28.95 -3.17 -4.77
CA ALA B 211 27.83 -3.79 -4.05
C ALA B 211 26.48 -3.17 -4.40
N PRO B 212 26.35 -1.85 -4.58
CA PRO B 212 25.02 -1.31 -4.94
C PRO B 212 24.55 -1.66 -6.34
N ASN B 213 25.38 -2.25 -7.19
CA ASN B 213 25.02 -2.47 -8.59
C ASN B 213 24.33 -3.82 -8.81
N SER B 214 24.11 -4.59 -7.76
CA SER B 214 23.33 -5.82 -7.88
C SER B 214 22.60 -6.03 -6.56
N ASN B 215 21.69 -7.00 -6.56
CA ASN B 215 20.83 -7.21 -5.40
C ASN B 215 21.64 -7.30 -4.11
N ASN B 216 21.19 -6.55 -3.10
CA ASN B 216 21.86 -6.51 -1.81
C ASN B 216 20.80 -6.35 -0.73
N ALA B 217 20.68 -7.36 0.13
CA ALA B 217 19.60 -7.37 1.12
C ALA B 217 19.71 -6.17 2.07
N ALA B 218 20.92 -5.85 2.53
CA ALA B 218 21.07 -4.77 3.49
C ALA B 218 20.76 -3.41 2.87
N ILE B 219 21.29 -3.15 1.68
CA ILE B 219 20.96 -1.90 1.00
C ILE B 219 19.45 -1.76 0.83
N SER B 220 18.79 -2.85 0.49
CA SER B 220 17.35 -2.80 0.30
C SER B 220 16.64 -2.47 1.62
N VAL B 221 17.03 -3.13 2.70
CA VAL B 221 16.41 -2.87 4.00
C VAL B 221 16.58 -1.41 4.41
N TYR B 222 17.80 -0.90 4.39
CA TYR B 222 18.01 0.46 4.90
C TYR B 222 17.48 1.53 3.93
N THR B 223 17.57 1.30 2.63
CA THR B 223 17.04 2.29 1.69
C THR B 223 15.53 2.36 1.77
N ILE B 224 14.86 1.20 1.73
CA ILE B 224 13.39 1.22 1.88
C ILE B 224 13.00 1.87 3.19
N SER B 225 13.66 1.50 4.29
CA SER B 225 13.22 1.97 5.60
C SER B 225 13.37 3.48 5.73
N TRP B 226 14.49 4.04 5.23
CA TRP B 226 14.68 5.48 5.30
C TRP B 226 13.68 6.22 4.41
N MET B 227 13.47 5.72 3.19
CA MET B 227 12.49 6.34 2.32
C MET B 227 11.09 6.26 2.92
N LYS B 228 10.72 5.10 3.48
CA LYS B 228 9.42 4.97 4.13
C LYS B 228 9.27 5.93 5.29
N LEU B 229 10.29 5.99 6.15
CA LEU B 229 10.18 6.80 7.35
C LEU B 229 9.95 8.27 7.02
N TRP B 230 10.67 8.80 6.04
CA TRP B 230 10.69 10.23 5.76
C TRP B 230 9.79 10.64 4.61
N VAL B 231 9.72 9.84 3.54
CA VAL B 231 8.83 10.18 2.43
C VAL B 231 7.38 9.98 2.82
N ASP B 232 7.08 8.92 3.57
CA ASP B 232 5.74 8.54 3.95
C ASP B 232 5.40 8.87 5.40
N ASN B 233 6.34 9.45 6.16
CA ASN B 233 6.14 9.63 7.61
C ASN B 233 5.75 8.31 8.27
N ASP B 234 6.24 7.19 7.75
CA ASP B 234 5.76 5.88 8.14
C ASP B 234 6.60 5.36 9.30
N THR B 235 6.09 5.52 10.52
CA THR B 235 6.84 5.17 11.71
C THR B 235 6.96 3.67 11.91
N ARG B 236 6.22 2.86 11.15
CA ARG B 236 6.39 1.40 11.19
C ARG B 236 7.78 0.96 10.79
N TYR B 237 8.56 1.84 10.17
CA TYR B 237 9.89 1.48 9.69
C TYR B 237 11.00 1.94 10.63
N ARG B 238 10.63 2.64 11.72
CA ARG B 238 11.62 3.00 12.74
C ARG B 238 12.33 1.78 13.31
N GLN B 239 11.64 0.64 13.34
CA GLN B 239 12.19 -0.55 14.00
C GLN B 239 13.46 -1.04 13.33
N PHE B 240 13.65 -0.76 12.04
CA PHE B 240 14.84 -1.21 11.36
C PHE B 240 15.99 -0.21 11.44
N LEU B 241 15.74 0.98 11.98
CA LEU B 241 16.72 2.04 12.03
C LEU B 241 17.08 2.42 13.45
N CYS B 242 16.51 1.74 14.44
CA CYS B 242 16.65 2.07 15.86
C CYS B 242 16.97 0.78 16.61
N ASN B 243 17.86 0.88 17.60
CA ASN B 243 18.35 -0.29 18.32
C ASN B 243 18.86 -1.35 17.35
N VAL B 244 19.64 -0.88 16.37
CA VAL B 244 20.06 -1.71 15.25
C VAL B 244 20.97 -2.83 15.74
N ASN B 245 20.75 -4.03 15.21
CA ASN B 245 21.53 -5.23 15.54
C ASN B 245 21.60 -6.05 14.25
N ASP B 246 22.60 -5.75 13.42
CA ASP B 246 22.66 -6.29 12.07
C ASP B 246 24.06 -6.83 11.79
N PRO B 247 24.24 -8.16 11.73
CA PRO B 247 25.56 -8.72 11.43
C PRO B 247 26.07 -8.37 10.05
N ALA B 248 25.22 -7.89 9.14
CA ALA B 248 25.69 -7.45 7.83
C ALA B 248 26.53 -6.17 7.91
N LEU B 249 26.45 -5.46 9.03
CA LEU B 249 27.06 -4.14 9.17
C LEU B 249 28.33 -4.22 10.00
N CYS B 250 29.35 -3.50 9.56
CA CYS B 250 30.60 -3.37 10.28
C CYS B 250 30.78 -1.98 10.89
N ASP B 251 29.80 -1.10 10.72
CA ASP B 251 29.76 0.19 11.40
C ASP B 251 28.32 0.66 11.37
N PHE B 252 27.94 1.39 12.40
CA PHE B 252 26.62 1.99 12.46
C PHE B 252 26.74 3.26 13.29
N ARG B 253 26.32 4.39 12.72
CA ARG B 253 26.39 5.68 13.40
C ARG B 253 25.09 6.43 13.17
N THR B 254 24.63 7.14 14.21
CA THR B 254 23.45 7.97 14.05
C THR B 254 23.41 8.99 15.19
N ASN B 255 22.80 10.14 14.92
CA ASN B 255 22.47 11.05 16.01
C ASN B 255 21.08 10.77 16.59
N ASN B 256 20.41 9.72 16.12
CA ASN B 256 19.19 9.16 16.73
C ASN B 256 18.05 10.18 16.81
N ARG B 257 18.00 11.13 15.90
CA ARG B 257 16.87 12.05 15.85
C ARG B 257 15.62 11.41 15.26
N HIS B 258 15.73 10.21 14.70
CA HIS B 258 14.65 9.55 13.96
C HIS B 258 13.96 8.47 14.75
N CYS B 259 14.34 8.28 16.00
CA CYS B 259 13.82 7.15 16.76
C CYS B 259 12.75 7.61 17.75
CA CA C . 1.03 -14.06 -0.71
C13 EMX D . -11.24 -21.22 -13.96
C20 EMX D . -13.88 -18.53 -9.14
C21 EMX D . -15.22 -18.34 -9.38
C22 EMX D . -15.92 -17.22 -8.62
C26 EMX D . -15.21 -20.11 -11.00
C28 EMX D . -7.92 -14.11 -14.81
C02 EMX D . -6.28 -12.16 -14.69
C04 EMX D . -6.72 -13.59 -14.35
C05 EMX D . -5.89 -14.38 -13.56
C06 EMX D . -6.27 -15.68 -13.25
C07 EMX D . -7.47 -16.20 -13.70
C08 EMX D . -7.87 -17.64 -13.35
C11 EMX D . -9.34 -19.50 -13.54
C12 EMX D . -10.76 -19.77 -14.05
C14 EMX D . -11.01 -21.88 -12.60
C16 EMX D . -13.06 -21.37 -11.48
C18 EMX D . -13.86 -20.31 -10.75
C19 EMX D . -13.20 -19.52 -9.82
C25 EMX D . -15.90 -19.11 -10.31
C27 EMX D . -8.30 -15.41 -14.49
O01 EMX D . -7.11 -11.19 -14.75
O03 EMX D . -5.04 -11.94 -14.89
O09 EMX D . -7.06 -18.36 -12.87
O10 EMX D . -9.17 -18.10 -13.58
O15 EMX D . -11.68 -21.16 -11.59
O17 EMX D . -13.58 -22.31 -11.96
O23 EMX D . -17.15 -17.27 -8.31
O24 EMX D . -15.21 -16.20 -8.36
#